data_6FBZ
#
_entry.id   6FBZ
#
_cell.length_a   63.960
_cell.length_b   75.354
_cell.length_c   48.435
_cell.angle_alpha   90.00
_cell.angle_beta   90.00
_cell.angle_gamma   90.00
#
_symmetry.space_group_name_H-M   'P 21 21 2'
#
loop_
_entity.id
_entity.type
_entity.pdbx_description
1 polymer 'Eukaryotic translation initiation factor 4E-like protein,Eukaryotic translation initiation factor 4E-like protein'
2 polymer 'Eukaryotic translation initiation factor 4G'
3 non-polymer "7-METHYL-GUANOSINE-5'-TRIPHOSPHATE"
4 water water
#
loop_
_entity_poly.entity_id
_entity_poly.type
_entity_poly.pdbx_seq_one_letter_code
_entity_poly.pdbx_strand_id
1 'polypeptide(L)'
;GPHMTVFHDKENFNVKHPLSCRWTLWFTKPASGKGDNWNDLLKKVITFESVEEFWGIYNNIAPVSELAVKSDYHLFKEGV
RPEWEDPQNKHGGKWAYQFKDKRSVNIDELWLHTMLAAIGETLEDEEDGEVMGVVVNVRKGFYRIGVWTRTTEKSKEILM
NIGRRLKEVLKLPPNEMVEFSGHTEAAQAGSTRAKARMVV
;
A
2 'polypeptide(L)'
;GPHMQPSAALQSLRSARFLPGIVQDIYPPGIKSPNPALNEAVQKKGRIFKYDVQFLLQFQNVFTEKPSPDFDQQVKALIG
D
;
B
#
loop_
_chem_comp.id
_chem_comp.type
_chem_comp.name
_chem_comp.formula
MGP non-polymer 7-METHYL-GUANOSINE-5'-TRIPHOSPHATE 'C11 H19 N5 O14 P3 1'
#
# COMPACT_ATOMS: atom_id res chain seq x y z
N PRO A 2 25.12 -10.13 -14.68
CA PRO A 2 24.93 -10.80 -13.39
C PRO A 2 23.51 -10.76 -12.98
N HIS A 3 23.02 -9.59 -12.52
CA HIS A 3 21.68 -9.38 -11.99
C HIS A 3 20.66 -9.51 -13.14
N MET A 4 19.84 -10.55 -13.13
CA MET A 4 18.67 -10.55 -13.97
C MET A 4 17.47 -10.17 -13.13
N THR A 5 16.90 -9.03 -13.52
CA THR A 5 15.64 -8.61 -12.96
C THR A 5 14.47 -9.33 -13.61
N VAL A 6 13.29 -9.10 -13.00
CA VAL A 6 12.07 -9.61 -13.58
C VAL A 6 11.82 -9.05 -14.99
N PHE A 7 12.45 -7.93 -15.29
CA PHE A 7 12.30 -7.33 -16.62
C PHE A 7 13.23 -7.97 -17.65
N HIS A 8 14.30 -8.62 -17.18
CA HIS A 8 15.19 -9.38 -18.08
C HIS A 8 14.58 -10.72 -18.44
N ASP A 9 13.97 -11.40 -17.45
CA ASP A 9 13.34 -12.67 -17.75
C ASP A 9 12.32 -12.94 -16.63
N LYS A 10 11.04 -12.79 -16.93
CA LYS A 10 10.11 -12.80 -15.79
C LYS A 10 9.91 -14.18 -15.20
N GLU A 11 10.54 -15.23 -15.76
CA GLU A 11 10.53 -16.56 -15.19
C GLU A 11 11.86 -16.98 -14.58
N ASN A 12 12.94 -16.29 -14.88
CA ASN A 12 14.27 -16.61 -14.31
C ASN A 12 15.01 -15.34 -14.00
N PHE A 13 14.75 -14.80 -12.82
CA PHE A 13 15.47 -13.62 -12.40
C PHE A 13 16.04 -13.91 -11.03
N ASN A 14 17.06 -13.14 -10.66
CA ASN A 14 17.76 -13.43 -9.41
C ASN A 14 17.94 -12.24 -8.47
N VAL A 15 17.27 -11.10 -8.72
CA VAL A 15 17.28 -9.99 -7.78
C VAL A 15 15.90 -9.41 -7.71
N LYS A 16 15.57 -8.92 -6.53
CA LYS A 16 14.28 -8.35 -6.26
C LYS A 16 14.45 -7.03 -5.48
N HIS A 17 13.36 -6.27 -5.45
CA HIS A 17 13.42 -4.88 -5.04
C HIS A 17 12.88 -4.77 -3.63
N PRO A 18 13.70 -4.41 -2.64
CA PRO A 18 13.22 -4.37 -1.26
C PRO A 18 12.37 -3.17 -1.01
N LEU A 19 11.44 -3.35 -0.05
CA LEU A 19 10.71 -2.24 0.52
C LEU A 19 11.39 -1.83 1.81
N SER A 20 11.11 -0.61 2.25
CA SER A 20 11.86 -0.05 3.38
C SER A 20 11.39 -0.66 4.70
N CYS A 21 10.20 -1.29 4.70
N CYS A 21 10.29 -1.41 4.64
CA CYS A 21 9.82 -2.17 5.79
CA CYS A 21 9.63 -2.04 5.76
C CYS A 21 8.93 -3.26 5.20
C CYS A 21 8.83 -3.21 5.19
N ARG A 22 8.55 -4.23 6.02
CA ARG A 22 7.54 -5.21 5.59
C ARG A 22 6.15 -4.60 5.75
N TRP A 23 5.23 -4.95 4.84
CA TRP A 23 3.87 -4.41 4.85
C TRP A 23 2.88 -5.56 4.89
N THR A 24 1.73 -5.35 5.49
CA THR A 24 0.71 -6.40 5.53
C THR A 24 -0.58 -5.85 4.93
N LEU A 25 -1.16 -6.60 4.04
CA LEU A 25 -2.50 -6.30 3.50
C LEU A 25 -3.56 -6.99 4.34
N TRP A 26 -4.60 -6.22 4.70
CA TRP A 26 -5.72 -6.64 5.51
C TRP A 26 -6.97 -6.37 4.69
N PHE A 27 -8.02 -7.13 4.98
CA PHE A 27 -9.32 -6.96 4.33
C PHE A 27 -10.44 -7.04 5.37
N THR A 28 -11.40 -6.10 5.33
CA THR A 28 -12.60 -6.16 6.16
C THR A 28 -13.72 -6.69 5.30
N LYS A 29 -14.29 -7.84 5.68
CA LYS A 29 -15.44 -8.34 4.95
C LYS A 29 -16.75 -7.69 5.44
N PRO A 30 -17.81 -7.69 4.60
CA PRO A 30 -19.14 -7.29 5.11
C PRO A 30 -19.70 -8.33 6.05
N ALA A 31 -20.54 -7.89 6.97
CA ALA A 31 -21.23 -8.84 7.86
C ALA A 31 -21.92 -9.90 7.04
N SER A 32 -21.91 -11.11 7.58
CA SER A 32 -22.55 -12.24 6.92
C SER A 32 -24.06 -12.05 6.85
N GLY A 33 -24.65 -12.46 5.71
CA GLY A 33 -26.10 -12.49 5.54
C GLY A 33 -26.81 -13.43 6.51
N LYS A 34 -26.09 -14.42 7.08
CA LYS A 34 -26.64 -15.26 8.14
C LYS A 34 -27.00 -14.43 9.38
N GLY A 35 -26.10 -13.55 9.82
CA GLY A 35 -26.34 -12.71 10.99
C GLY A 35 -25.62 -13.13 12.25
N ASP A 36 -24.67 -14.05 12.17
CA ASP A 36 -23.96 -14.58 13.32
C ASP A 36 -22.51 -14.09 13.37
N ASN A 37 -22.11 -13.22 12.44
CA ASN A 37 -20.75 -12.63 12.45
C ASN A 37 -20.82 -11.17 12.02
N TRP A 38 -20.95 -10.30 13.00
CA TRP A 38 -20.80 -8.85 12.84
C TRP A 38 -19.64 -8.32 13.68
N ASN A 39 -18.99 -9.18 14.48
CA ASN A 39 -17.95 -8.74 15.40
C ASN A 39 -16.58 -9.38 15.11
N ASP A 40 -16.36 -9.96 13.92
CA ASP A 40 -15.07 -10.61 13.57
C ASP A 40 -14.79 -10.50 12.08
N LEU A 41 -14.72 -9.27 11.56
CA LEU A 41 -14.73 -9.06 10.14
C LEU A 41 -13.37 -8.69 9.53
N LEU A 42 -12.38 -8.35 10.34
CA LEU A 42 -11.08 -7.91 9.91
C LEU A 42 -10.18 -9.12 9.72
N LYS A 43 -9.62 -9.24 8.52
CA LYS A 43 -8.82 -10.40 8.15
C LYS A 43 -7.43 -9.95 7.74
N LYS A 44 -6.41 -10.69 8.22
CA LYS A 44 -5.02 -10.47 7.80
C LYS A 44 -4.75 -11.31 6.55
N VAL A 45 -4.42 -10.66 5.44
CA VAL A 45 -4.32 -11.44 4.21
C VAL A 45 -2.92 -11.97 4.01
N ILE A 46 -1.93 -11.07 3.95
CA ILE A 46 -0.56 -11.46 3.57
C ILE A 46 0.41 -10.36 3.97
N THR A 47 1.66 -10.77 4.33
CA THR A 47 2.77 -9.84 4.61
C THR A 47 3.81 -10.00 3.51
N PHE A 48 4.38 -8.88 3.05
CA PHE A 48 5.30 -8.96 1.93
C PHE A 48 6.43 -7.94 2.10
N GLU A 49 7.49 -8.08 1.27
CA GLU A 49 8.67 -7.26 1.54
C GLU A 49 9.38 -6.84 0.26
N SER A 50 8.77 -7.09 -0.88
CA SER A 50 9.36 -6.72 -2.15
C SER A 50 8.32 -6.03 -3.02
N VAL A 51 8.83 -5.27 -3.99
CA VAL A 51 7.97 -4.69 -5.01
C VAL A 51 7.30 -5.81 -5.82
N GLU A 52 8.08 -6.85 -6.22
CA GLU A 52 7.50 -7.94 -7.02
C GLU A 52 6.37 -8.66 -6.27
N GLU A 53 6.57 -8.92 -4.97
CA GLU A 53 5.55 -9.57 -4.18
C GLU A 53 4.30 -8.71 -4.14
N PHE A 54 4.45 -7.38 -3.98
CA PHE A 54 3.29 -6.51 -3.98
C PHE A 54 2.43 -6.74 -5.22
N TRP A 55 3.08 -6.78 -6.39
CA TRP A 55 2.34 -6.90 -7.63
C TRP A 55 1.77 -8.29 -7.81
N GLY A 56 2.46 -9.33 -7.34
CA GLY A 56 1.81 -10.64 -7.26
C GLY A 56 0.52 -10.65 -6.44
N ILE A 57 0.50 -9.93 -5.33
CA ILE A 57 -0.70 -9.83 -4.56
C ILE A 57 -1.71 -9.02 -5.34
N TYR A 58 -1.35 -7.79 -5.70
CA TYR A 58 -2.33 -6.88 -6.32
C TYR A 58 -3.00 -7.50 -7.55
N ASN A 59 -2.22 -8.20 -8.37
CA ASN A 59 -2.75 -8.83 -9.58
C ASN A 59 -3.66 -10.04 -9.34
N ASN A 60 -3.76 -10.49 -8.10
CA ASN A 60 -4.51 -11.71 -7.75
C ASN A 60 -5.60 -11.48 -6.68
N ILE A 61 -5.98 -10.23 -6.44
CA ILE A 61 -7.02 -9.84 -5.49
C ILE A 61 -7.99 -8.92 -6.20
N ALA A 62 -9.19 -8.88 -5.64
CA ALA A 62 -10.25 -8.09 -6.21
C ALA A 62 -9.90 -6.61 -6.20
N PRO A 63 -10.09 -5.90 -7.31
CA PRO A 63 -9.94 -4.42 -7.26
C PRO A 63 -11.00 -3.85 -6.33
N VAL A 64 -10.78 -2.63 -5.80
CA VAL A 64 -11.75 -1.97 -4.92
CA VAL A 64 -11.75 -2.05 -4.88
C VAL A 64 -13.11 -1.89 -5.54
N SER A 65 -13.15 -1.69 -6.86
CA SER A 65 -14.40 -1.50 -7.53
C SER A 65 -15.26 -2.76 -7.62
N GLU A 66 -14.69 -3.90 -7.23
CA GLU A 66 -15.41 -5.16 -7.17
C GLU A 66 -15.87 -5.52 -5.75
N LEU A 67 -15.51 -4.74 -4.75
CA LEU A 67 -15.80 -5.11 -3.37
C LEU A 67 -17.25 -4.77 -3.07
N ALA A 68 -17.85 -5.52 -2.13
CA ALA A 68 -19.15 -5.19 -1.60
C ALA A 68 -19.10 -3.99 -0.67
N VAL A 69 -20.27 -3.36 -0.51
CA VAL A 69 -20.36 -2.26 0.42
C VAL A 69 -20.08 -2.71 1.83
N LYS A 70 -19.39 -1.86 2.56
CA LYS A 70 -18.92 -2.11 3.94
C LYS A 70 -17.63 -2.92 3.95
N SER A 71 -16.98 -3.10 2.82
CA SER A 71 -15.69 -3.75 2.81
C SER A 71 -14.60 -2.68 2.85
N ASP A 72 -13.42 -3.09 3.25
CA ASP A 72 -12.23 -2.20 3.29
C ASP A 72 -11.00 -3.01 2.90
N TYR A 73 -10.01 -2.32 2.30
CA TYR A 73 -8.63 -2.84 2.28
C TYR A 73 -7.77 -1.94 3.15
N HIS A 74 -6.82 -2.54 3.84
CA HIS A 74 -5.88 -1.77 4.63
C HIS A 74 -4.47 -2.26 4.31
N LEU A 75 -3.49 -1.36 4.13
CA LEU A 75 -2.09 -1.75 3.88
C LEU A 75 -1.26 -1.08 4.95
N PHE A 76 -0.81 -1.85 5.91
CA PHE A 76 -0.16 -1.32 7.11
C PHE A 76 1.24 -1.86 7.30
N LYS A 77 2.08 -1.08 7.91
CA LYS A 77 3.42 -1.59 8.20
C LYS A 77 3.33 -2.79 9.16
N GLU A 78 4.21 -3.75 8.96
CA GLU A 78 4.16 -4.98 9.72
C GLU A 78 4.19 -4.69 11.20
N GLY A 79 3.37 -5.39 11.93
CA GLY A 79 3.25 -5.24 13.37
C GLY A 79 2.11 -4.31 13.81
N VAL A 80 1.60 -3.48 12.91
CA VAL A 80 0.54 -2.54 13.26
C VAL A 80 -0.78 -3.12 12.75
N ARG A 81 -1.69 -3.42 13.66
CA ARG A 81 -3.03 -3.77 13.24
C ARG A 81 -3.78 -2.50 12.81
N PRO A 82 -4.68 -2.56 11.79
CA PRO A 82 -5.38 -1.37 11.26
C PRO A 82 -6.60 -1.00 12.07
N GLU A 83 -6.38 -0.84 13.35
CA GLU A 83 -7.43 -0.53 14.31
C GLU A 83 -6.92 0.57 15.22
N TRP A 84 -7.88 1.33 15.72
CA TRP A 84 -7.59 2.43 16.64
C TRP A 84 -6.97 1.94 17.94
N GLU A 85 -7.30 0.73 18.38
CA GLU A 85 -6.77 0.22 19.65
C GLU A 85 -5.29 -0.20 19.57
N ASP A 86 -4.74 -0.41 18.39
CA ASP A 86 -3.31 -0.74 18.31
C ASP A 86 -2.50 0.35 19.03
N PRO A 87 -1.49 0.00 19.80
CA PRO A 87 -0.67 1.02 20.47
C PRO A 87 -0.05 2.04 19.52
N GLN A 88 0.19 1.70 18.25
CA GLN A 88 0.76 2.66 17.35
C GLN A 88 -0.25 3.53 16.64
N ASN A 89 -1.54 3.25 16.76
CA ASN A 89 -2.53 4.15 16.25
C ASN A 89 -3.31 4.87 17.32
N LYS A 90 -3.23 4.41 18.56
CA LYS A 90 -4.11 4.92 19.64
C LYS A 90 -4.05 6.43 19.82
N HIS A 91 -2.87 7.03 19.67
CA HIS A 91 -2.68 8.47 19.82
C HIS A 91 -2.51 9.16 18.50
N GLY A 92 -2.84 8.47 17.41
CA GLY A 92 -2.71 9.00 16.07
C GLY A 92 -4.01 9.46 15.44
N GLY A 93 -4.01 9.55 14.12
CA GLY A 93 -5.19 9.91 13.34
C GLY A 93 -5.09 9.53 11.87
N LYS A 94 -5.83 10.26 11.01
CA LYS A 94 -5.74 10.03 9.56
C LYS A 94 -5.98 11.31 8.77
N TRP A 95 -5.31 11.36 7.56
CA TRP A 95 -5.68 12.24 6.49
C TRP A 95 -6.62 11.48 5.59
N ALA A 96 -7.78 12.06 5.25
CA ALA A 96 -8.71 11.28 4.43
C ALA A 96 -9.42 12.16 3.43
N TYR A 97 -9.89 11.51 2.37
CA TYR A 97 -10.77 12.12 1.39
C TYR A 97 -11.88 11.16 0.98
N GLN A 98 -13.11 11.66 0.83
CA GLN A 98 -14.22 10.85 0.32
C GLN A 98 -14.55 11.12 -1.14
N PHE A 99 -14.53 10.09 -1.96
CA PHE A 99 -14.88 10.15 -3.38
C PHE A 99 -16.32 9.69 -3.58
N LYS A 100 -17.01 10.29 -4.54
CA LYS A 100 -18.26 9.72 -5.00
C LYS A 100 -18.01 8.42 -5.77
N ASP A 101 -19.02 7.55 -5.77
N ASP A 101 -19.00 7.53 -5.72
CA ASP A 101 -18.94 6.30 -6.52
CA ASP A 101 -19.03 6.33 -6.54
C ASP A 101 -19.46 6.58 -7.93
C ASP A 101 -19.52 6.78 -7.90
N LYS A 102 -18.57 7.13 -8.76
CA LYS A 102 -18.88 7.39 -10.15
C LYS A 102 -17.72 6.90 -11.01
N ARG A 103 -18.04 6.57 -12.27
CA ARG A 103 -17.12 5.75 -13.08
C ARG A 103 -15.93 6.55 -13.59
N SER A 104 -16.10 7.85 -13.77
CA SER A 104 -14.94 8.65 -14.13
C SER A 104 -13.93 8.74 -13.02
N VAL A 105 -14.28 8.25 -11.80
CA VAL A 105 -13.35 8.24 -10.67
C VAL A 105 -12.74 6.85 -10.78
N ASN A 106 -11.48 6.79 -11.14
CA ASN A 106 -10.94 5.47 -11.33
C ASN A 106 -10.44 5.13 -9.92
N ILE A 107 -11.38 4.72 -9.03
CA ILE A 107 -11.02 4.38 -7.65
C ILE A 107 -9.93 3.32 -7.60
N ASP A 108 -9.96 2.33 -8.51
CA ASP A 108 -8.93 1.32 -8.43
C ASP A 108 -7.53 1.91 -8.61
N GLU A 109 -7.40 2.80 -9.58
CA GLU A 109 -6.13 3.50 -9.84
C GLU A 109 -5.72 4.40 -8.68
N LEU A 110 -6.68 5.11 -8.10
CA LEU A 110 -6.38 5.97 -7.00
C LEU A 110 -5.87 5.18 -5.81
N TRP A 111 -6.58 4.10 -5.45
CA TRP A 111 -6.14 3.23 -4.37
C TRP A 111 -4.77 2.61 -4.65
N LEU A 112 -4.61 2.08 -5.87
CA LEU A 112 -3.32 1.55 -6.28
C LEU A 112 -2.20 2.57 -6.08
N HIS A 113 -2.40 3.81 -6.55
CA HIS A 113 -1.36 4.82 -6.44
C HIS A 113 -1.11 5.20 -4.98
N THR A 114 -2.16 5.14 -4.16
CA THR A 114 -1.98 5.37 -2.75
C THR A 114 -1.08 4.31 -2.12
N MET A 115 -1.34 3.03 -2.41
CA MET A 115 -0.52 1.97 -1.88
C MET A 115 0.92 2.09 -2.41
N LEU A 116 1.09 2.41 -3.71
CA LEU A 116 2.44 2.61 -4.28
C LEU A 116 3.21 3.77 -3.62
N ALA A 117 2.51 4.87 -3.33
CA ALA A 117 3.10 5.98 -2.58
C ALA A 117 3.53 5.53 -1.19
N ALA A 118 2.71 4.70 -0.53
CA ALA A 118 3.07 4.19 0.77
C ALA A 118 4.31 3.30 0.69
N ILE A 119 4.24 2.24 -0.12
CA ILE A 119 5.34 1.29 -0.05
C ILE A 119 6.60 1.88 -0.67
N GLY A 120 6.44 2.76 -1.66
CA GLY A 120 7.59 3.41 -2.28
C GLY A 120 8.14 4.61 -1.50
N GLU A 121 7.62 4.83 -0.32
CA GLU A 121 8.10 5.86 0.59
C GLU A 121 8.07 7.26 0.00
N THR A 122 7.02 7.59 -0.73
CA THR A 122 6.91 8.97 -1.17
C THR A 122 5.78 9.70 -0.49
N LEU A 123 5.23 9.14 0.62
CA LEU A 123 4.24 9.90 1.41
C LEU A 123 4.91 10.80 2.44
N GLU A 124 6.02 10.33 3.00
CA GLU A 124 6.74 11.02 4.10
C GLU A 124 8.24 10.92 3.90
N ASP A 125 8.96 11.74 4.63
CA ASP A 125 10.42 11.71 4.59
C ASP A 125 10.99 10.68 5.58
N GLU A 126 12.30 10.43 5.40
CA GLU A 126 12.97 9.31 6.03
C GLU A 126 12.85 9.34 7.56
N GLU A 127 12.86 10.51 8.17
CA GLU A 127 12.80 10.44 9.64
C GLU A 127 11.43 10.74 10.20
N ASP A 128 10.44 10.92 9.34
CA ASP A 128 9.16 11.41 9.84
C ASP A 128 8.52 10.46 10.85
N GLY A 129 8.50 9.14 10.56
CA GLY A 129 8.01 8.20 11.54
C GLY A 129 6.52 8.32 11.76
N GLU A 130 5.76 8.76 10.75
CA GLU A 130 4.37 9.06 10.99
C GLU A 130 3.46 8.10 10.27
N VAL A 131 3.77 7.70 9.02
CA VAL A 131 2.81 6.86 8.30
C VAL A 131 2.74 5.46 8.90
N MET A 132 1.56 5.04 9.32
CA MET A 132 1.38 3.68 9.77
C MET A 132 0.73 2.78 8.71
N GLY A 133 -0.12 3.34 7.86
CA GLY A 133 -0.76 2.56 6.83
C GLY A 133 -1.70 3.41 6.03
N VAL A 134 -2.25 2.79 5.00
CA VAL A 134 -3.29 3.41 4.20
C VAL A 134 -4.49 2.51 4.12
N VAL A 135 -5.66 3.12 3.89
N VAL A 135 -5.60 3.11 3.75
CA VAL A 135 -6.95 2.40 3.95
CA VAL A 135 -6.85 2.35 3.71
C VAL A 135 -7.91 2.92 2.88
C VAL A 135 -7.73 2.87 2.62
N VAL A 136 -8.67 2.01 2.27
CA VAL A 136 -9.74 2.38 1.38
C VAL A 136 -11.01 1.74 2.00
N ASN A 137 -12.03 2.54 2.10
CA ASN A 137 -13.32 2.12 2.65
C ASN A 137 -14.34 2.20 1.55
N VAL A 138 -15.16 1.13 1.39
CA VAL A 138 -16.20 1.09 0.40
C VAL A 138 -17.49 1.25 1.17
N ARG A 139 -18.21 2.31 0.92
CA ARG A 139 -19.45 2.53 1.63
C ARG A 139 -20.59 2.80 0.65
N LYS A 140 -21.83 2.95 1.16
CA LYS A 140 -22.97 3.18 0.28
C LYS A 140 -22.81 4.50 -0.45
N GLY A 141 -22.72 5.55 0.28
CA GLY A 141 -22.63 6.76 -0.51
C GLY A 141 -21.30 7.09 -1.21
N PHE A 142 -20.21 6.31 -1.07
CA PHE A 142 -18.87 6.90 -1.30
C PHE A 142 -17.76 5.86 -1.09
N TYR A 143 -16.60 6.22 -1.57
CA TYR A 143 -15.35 5.59 -1.19
C TYR A 143 -14.55 6.55 -0.35
N ARG A 144 -13.77 6.09 0.59
CA ARG A 144 -12.86 6.96 1.35
C ARG A 144 -11.46 6.40 1.27
N ILE A 145 -10.47 7.26 1.03
CA ILE A 145 -9.06 6.85 1.03
C ILE A 145 -8.37 7.63 2.12
N GLY A 146 -7.63 6.92 2.96
CA GLY A 146 -6.98 7.56 4.09
C GLY A 146 -5.53 7.12 4.26
N VAL A 147 -4.80 7.95 4.95
CA VAL A 147 -3.45 7.66 5.41
C VAL A 147 -3.49 7.80 6.93
N TRP A 148 -3.25 6.69 7.64
CA TRP A 148 -3.22 6.69 9.10
C TRP A 148 -1.85 7.06 9.59
N THR A 149 -1.84 7.86 10.66
CA THR A 149 -0.60 8.43 11.21
C THR A 149 -0.42 8.08 12.70
N ARG A 150 0.85 8.02 13.14
CA ARG A 150 1.13 7.56 14.52
C ARG A 150 0.74 8.59 15.57
N THR A 151 0.91 9.86 15.29
CA THR A 151 0.65 10.88 16.29
C THR A 151 -0.26 11.90 15.63
N THR A 152 -0.74 12.83 16.43
CA THR A 152 -1.44 13.98 15.95
C THR A 152 -0.62 15.23 16.18
N GLU A 153 0.51 15.12 16.88
CA GLU A 153 1.23 16.34 17.26
C GLU A 153 2.75 16.25 17.34
N LYS A 154 3.39 15.13 17.00
CA LYS A 154 4.84 15.08 17.11
C LYS A 154 5.45 16.25 16.35
N SER A 155 5.02 16.44 15.10
CA SER A 155 5.38 17.61 14.31
C SER A 155 4.23 17.93 13.36
N LYS A 156 3.60 19.10 13.54
CA LYS A 156 2.57 19.60 12.64
C LYS A 156 3.06 19.71 11.18
N GLU A 157 4.27 20.23 10.97
CA GLU A 157 4.70 20.41 9.60
C GLU A 157 4.86 19.07 8.89
N ILE A 158 5.30 18.06 9.64
CA ILE A 158 5.48 16.75 9.03
C ILE A 158 4.12 16.19 8.69
N LEU A 159 3.10 16.45 9.53
CA LEU A 159 1.78 15.93 9.19
C LEU A 159 1.16 16.66 8.00
N MET A 160 1.27 18.00 7.93
CA MET A 160 0.66 18.72 6.82
C MET A 160 1.25 18.30 5.48
N ASN A 161 2.57 18.03 5.47
CA ASN A 161 3.21 17.61 4.23
C ASN A 161 2.68 16.28 3.76
N ILE A 162 2.35 15.39 4.71
CA ILE A 162 1.75 14.11 4.34
C ILE A 162 0.39 14.32 3.69
N GLY A 163 -0.42 15.18 4.27
CA GLY A 163 -1.70 15.51 3.67
C GLY A 163 -1.55 16.09 2.28
N ARG A 164 -0.62 17.02 2.09
CA ARG A 164 -0.44 17.53 0.74
C ARG A 164 0.03 16.47 -0.25
N ARG A 165 0.86 15.53 0.19
CA ARG A 165 1.28 14.50 -0.73
C ARG A 165 0.13 13.60 -1.10
N LEU A 166 -0.69 13.25 -0.13
CA LEU A 166 -1.86 12.41 -0.47
C LEU A 166 -2.74 13.12 -1.48
N LYS A 167 -2.95 14.44 -1.30
CA LYS A 167 -3.75 15.20 -2.25
C LYS A 167 -3.16 15.15 -3.64
N GLU A 168 -1.83 15.23 -3.74
CA GLU A 168 -1.13 15.11 -5.03
C GLU A 168 -1.29 13.71 -5.63
N VAL A 169 -1.07 12.67 -4.83
CA VAL A 169 -1.21 11.27 -5.27
C VAL A 169 -2.61 11.04 -5.81
N LEU A 170 -3.60 11.60 -5.17
CA LEU A 170 -4.99 11.45 -5.58
C LEU A 170 -5.37 12.39 -6.71
N LYS A 171 -4.47 13.28 -7.13
CA LYS A 171 -4.68 14.13 -8.30
C LYS A 171 -5.86 15.06 -8.09
N LEU A 172 -6.10 15.44 -6.87
CA LEU A 172 -7.25 16.29 -6.58
C LEU A 172 -6.99 17.75 -7.00
N PRO A 173 -7.99 18.43 -7.51
CA PRO A 173 -7.85 19.87 -7.76
C PRO A 173 -7.93 20.66 -6.46
N PRO A 174 -7.69 21.96 -6.52
CA PRO A 174 -7.56 22.75 -5.27
C PRO A 174 -8.83 22.89 -4.44
N ASN A 175 -10.03 22.99 -5.03
CA ASN A 175 -11.22 23.05 -4.17
C ASN A 175 -11.39 21.80 -3.28
N GLU A 176 -10.91 20.62 -3.71
CA GLU A 176 -11.18 19.37 -2.98
C GLU A 176 -10.20 19.21 -1.82
N MET A 177 -10.71 19.18 -0.60
CA MET A 177 -9.84 19.22 0.56
C MET A 177 -9.68 17.84 1.20
N VAL A 178 -8.45 17.54 1.60
CA VAL A 178 -8.11 16.34 2.38
C VAL A 178 -8.04 16.79 3.83
N GLU A 179 -8.63 16.02 4.75
CA GLU A 179 -8.86 16.45 6.12
C GLU A 179 -8.19 15.54 7.14
N PHE A 180 -7.62 16.10 8.21
CA PHE A 180 -6.96 15.32 9.24
C PHE A 180 -7.82 15.20 10.50
N SER A 181 -7.94 14.01 11.03
CA SER A 181 -8.75 13.85 12.23
C SER A 181 -8.11 12.82 13.13
N GLY A 182 -8.16 13.05 14.44
CA GLY A 182 -7.68 12.06 15.37
C GLY A 182 -8.67 10.90 15.47
N HIS A 183 -8.15 9.74 15.78
CA HIS A 183 -9.03 8.59 15.83
C HIS A 183 -9.96 8.67 17.02
N THR A 184 -9.51 9.25 18.12
CA THR A 184 -10.31 9.29 19.33
C THR A 184 -10.83 10.70 19.46
N GLU A 185 -11.95 10.81 20.15
CA GLU A 185 -12.43 12.13 20.52
C GLU A 185 -11.40 12.91 21.29
N ALA A 186 -10.70 12.27 22.21
CA ALA A 186 -9.68 12.98 22.98
C ALA A 186 -8.58 13.52 22.07
N ALA A 187 -7.92 12.64 21.30
CA ALA A 187 -6.82 13.01 20.39
C ALA A 187 -7.26 13.94 19.25
N GLN A 188 -8.56 14.29 19.22
CA GLN A 188 -9.09 15.28 18.29
C GLN A 188 -9.41 16.62 18.99
N ALA A 189 -9.93 16.58 20.21
CA ALA A 189 -10.27 17.80 20.97
C ALA A 189 -9.01 18.55 21.38
N MET A 198 -6.68 21.49 10.32
CA MET A 198 -5.72 20.75 9.52
C MET A 198 -6.49 20.12 8.37
N VAL A 199 -6.49 20.90 7.31
CA VAL A 199 -7.09 20.58 6.03
C VAL A 199 -6.13 21.13 4.97
N VAL A 200 -6.06 20.46 3.82
CA VAL A 200 -5.22 20.92 2.70
C VAL A 200 -5.88 20.72 1.34
N MET B 4 -0.21 -28.74 -4.95
CA MET B 4 -0.02 -27.36 -5.32
C MET B 4 1.44 -27.14 -5.74
N GLN B 5 1.65 -26.45 -6.85
CA GLN B 5 2.98 -26.28 -7.44
C GLN B 5 3.30 -24.81 -7.68
N PRO B 6 4.42 -24.29 -7.20
CA PRO B 6 4.75 -22.87 -7.42
C PRO B 6 5.10 -22.58 -8.88
N SER B 7 4.87 -21.33 -9.32
CA SER B 7 5.24 -20.88 -10.66
C SER B 7 6.72 -20.58 -10.78
N ALA B 8 7.19 -20.46 -12.03
CA ALA B 8 8.59 -20.18 -12.29
C ALA B 8 8.95 -18.82 -11.73
N ALA B 9 8.06 -17.85 -11.92
CA ALA B 9 8.30 -16.51 -11.37
C ALA B 9 8.31 -16.56 -9.87
N LEU B 10 7.43 -17.37 -9.26
CA LEU B 10 7.38 -17.43 -7.78
C LEU B 10 8.64 -18.12 -7.29
N GLN B 11 9.03 -19.18 -7.96
CA GLN B 11 10.27 -19.83 -7.59
C GLN B 11 11.44 -18.87 -7.67
N SER B 12 11.47 -18.02 -8.70
CA SER B 12 12.54 -17.06 -8.87
C SER B 12 12.47 -16.03 -7.77
N LEU B 13 11.26 -15.60 -7.41
CA LEU B 13 11.16 -14.60 -6.38
C LEU B 13 11.66 -15.16 -5.08
N ARG B 14 11.28 -16.39 -4.78
CA ARG B 14 11.65 -16.98 -3.49
C ARG B 14 13.16 -17.07 -3.37
N SER B 15 13.83 -17.32 -4.48
CA SER B 15 15.26 -17.57 -4.42
C SER B 15 16.11 -16.35 -4.73
N ALA B 16 15.52 -15.29 -5.25
CA ALA B 16 16.27 -14.11 -5.60
C ALA B 16 16.80 -13.42 -4.34
N ARG B 17 17.78 -12.54 -4.53
CA ARG B 17 18.41 -11.76 -3.48
C ARG B 17 17.90 -10.33 -3.56
N PHE B 18 17.66 -9.72 -2.40
CA PHE B 18 17.34 -8.31 -2.38
C PHE B 18 18.47 -7.47 -2.96
N LEU B 19 18.09 -6.57 -3.87
CA LEU B 19 18.93 -5.45 -4.21
C LEU B 19 19.30 -4.69 -2.93
N PRO B 20 20.40 -3.97 -2.94
CA PRO B 20 20.96 -3.39 -1.73
C PRO B 20 20.39 -2.03 -1.39
N GLY B 21 19.53 -1.55 -2.28
CA GLY B 21 18.92 -0.25 -2.20
C GLY B 21 18.53 0.12 -3.61
N ILE B 22 18.35 1.42 -3.84
CA ILE B 22 18.10 1.93 -5.18
C ILE B 22 19.35 1.78 -6.04
N VAL B 23 19.18 1.17 -7.20
CA VAL B 23 20.28 1.02 -8.16
C VAL B 23 19.84 1.61 -9.48
N GLN B 24 20.79 2.29 -10.17
CA GLN B 24 20.49 3.02 -11.38
C GLN B 24 20.82 2.26 -12.65
N ASP B 25 21.67 1.25 -12.60
CA ASP B 25 22.30 0.77 -13.81
C ASP B 25 22.03 -0.69 -14.14
N ILE B 26 20.94 -1.30 -13.67
CA ILE B 26 20.71 -2.73 -13.84
C ILE B 26 19.52 -3.05 -14.75
N TYR B 27 18.87 -2.02 -15.39
CA TYR B 27 17.65 -2.32 -16.10
C TYR B 27 17.83 -2.37 -17.61
N PRO B 28 17.04 -3.21 -18.25
CA PRO B 28 17.19 -3.38 -19.68
C PRO B 28 16.57 -2.20 -20.44
N PRO B 29 16.77 -2.13 -21.76
CA PRO B 29 16.24 -1.04 -22.55
C PRO B 29 14.73 -0.90 -22.38
N GLY B 30 14.31 0.34 -22.21
CA GLY B 30 12.91 0.69 -22.11
C GLY B 30 12.39 0.70 -20.69
N ILE B 31 13.21 0.26 -19.72
CA ILE B 31 12.81 0.24 -18.32
C ILE B 31 13.56 1.34 -17.61
N LYS B 32 12.81 2.20 -16.92
CA LYS B 32 13.44 3.28 -16.18
C LYS B 32 13.87 2.77 -14.81
N SER B 33 14.92 3.40 -14.31
CA SER B 33 15.34 3.17 -12.95
C SER B 33 14.49 3.99 -12.00
N PRO B 34 14.58 3.75 -10.71
CA PRO B 34 13.96 4.69 -9.78
C PRO B 34 14.61 6.06 -9.80
N ASN B 35 13.77 7.09 -9.63
CA ASN B 35 14.25 8.47 -9.71
C ASN B 35 15.43 8.75 -8.76
N PRO B 36 16.65 8.97 -9.25
CA PRO B 36 17.76 9.06 -8.29
C PRO B 36 17.65 10.26 -7.43
N ALA B 37 16.96 11.31 -7.86
CA ALA B 37 16.87 12.54 -7.06
C ALA B 37 16.20 12.29 -5.71
N LEU B 38 15.19 11.40 -5.69
CA LEU B 38 14.42 11.11 -4.47
C LEU B 38 15.27 10.41 -3.45
N ASN B 39 16.23 9.64 -3.90
CA ASN B 39 17.17 9.01 -2.98
CA ASN B 39 17.16 9.00 -2.97
C ASN B 39 18.42 9.83 -2.74
N GLU B 40 18.68 10.85 -3.55
CA GLU B 40 19.89 11.65 -3.31
C GLU B 40 19.92 12.22 -1.90
N ALA B 41 18.76 12.66 -1.41
CA ALA B 41 18.76 13.31 -0.12
C ALA B 41 18.66 12.31 1.04
N VAL B 42 18.39 11.02 0.75
CA VAL B 42 18.26 10.00 1.77
C VAL B 42 19.57 9.77 2.49
N GLN B 43 19.50 9.68 3.81
CA GLN B 43 20.73 9.44 4.56
C GLN B 43 21.03 7.95 4.77
N LYS B 44 20.05 7.12 5.12
CA LYS B 44 20.29 5.69 5.35
C LYS B 44 19.89 4.94 4.08
N LYS B 45 20.82 4.83 3.13
CA LYS B 45 20.44 4.29 1.82
C LYS B 45 20.32 2.77 1.82
N GLY B 46 20.85 2.09 2.84
CA GLY B 46 20.72 0.65 2.96
C GLY B 46 19.44 0.24 3.67
N ARG B 47 18.66 1.21 4.13
CA ARG B 47 17.43 0.87 4.83
C ARG B 47 16.19 1.52 4.23
N ILE B 48 16.28 2.71 3.65
CA ILE B 48 15.15 3.47 3.11
C ILE B 48 15.33 3.60 1.61
N PHE B 49 14.31 3.15 0.85
CA PHE B 49 14.36 3.00 -0.60
C PHE B 49 13.18 3.73 -1.19
N LYS B 50 13.42 4.86 -1.83
CA LYS B 50 12.36 5.65 -2.41
C LYS B 50 12.18 5.22 -3.85
N TYR B 51 10.95 4.83 -4.18
CA TYR B 51 10.63 4.43 -5.53
C TYR B 51 9.48 5.31 -5.91
N ASP B 52 9.65 6.01 -7.00
CA ASP B 52 8.57 6.76 -7.58
C ASP B 52 7.51 5.83 -8.12
N VAL B 53 6.27 6.35 -8.12
CA VAL B 53 5.13 5.57 -8.59
C VAL B 53 5.33 5.13 -10.05
N GLN B 54 5.88 5.98 -10.91
CA GLN B 54 6.07 5.58 -12.30
C GLN B 54 6.96 4.34 -12.40
N PHE B 55 8.05 4.32 -11.63
CA PHE B 55 8.92 3.16 -11.63
C PHE B 55 8.16 1.92 -11.20
N LEU B 56 7.36 2.04 -10.11
CA LEU B 56 6.64 0.88 -9.58
C LEU B 56 5.59 0.37 -10.54
N LEU B 57 5.00 1.26 -11.31
CA LEU B 57 3.95 0.86 -12.22
C LEU B 57 4.54 -0.04 -13.32
N GLN B 58 5.86 0.04 -13.59
CA GLN B 58 6.40 -0.80 -14.65
C GLN B 58 6.18 -2.30 -14.41
N PHE B 59 5.98 -2.72 -13.17
CA PHE B 59 5.86 -4.13 -12.81
C PHE B 59 4.47 -4.69 -13.00
N GLN B 60 3.49 -3.84 -13.25
CA GLN B 60 2.11 -4.26 -13.16
C GLN B 60 1.78 -5.43 -14.08
N ASN B 61 2.21 -5.40 -15.30
CA ASN B 61 1.95 -6.47 -16.24
C ASN B 61 3.09 -7.45 -16.36
N VAL B 62 4.07 -7.36 -15.47
CA VAL B 62 5.28 -8.18 -15.50
C VAL B 62 5.25 -9.25 -14.45
N PHE B 63 5.03 -8.90 -13.18
CA PHE B 63 4.85 -9.92 -12.13
C PHE B 63 3.35 -10.08 -11.80
N THR B 64 2.71 -11.05 -12.44
CA THR B 64 1.30 -11.30 -12.33
C THR B 64 0.98 -12.58 -11.57
N GLU B 65 2.02 -13.33 -11.17
CA GLU B 65 1.81 -14.63 -10.59
C GLU B 65 1.38 -14.51 -9.12
N LYS B 66 0.69 -15.53 -8.64
CA LYS B 66 0.31 -15.54 -7.26
C LYS B 66 1.54 -15.55 -6.36
N PRO B 67 1.39 -14.95 -5.17
CA PRO B 67 2.49 -14.91 -4.21
C PRO B 67 2.70 -16.19 -3.39
N SER B 68 1.82 -17.18 -3.53
CA SER B 68 1.93 -18.49 -2.91
C SER B 68 1.17 -19.49 -3.77
N PRO B 69 1.54 -20.78 -3.71
CA PRO B 69 0.83 -21.78 -4.54
C PRO B 69 -0.67 -21.89 -4.27
N ASP B 70 -1.11 -21.81 -3.01
CA ASP B 70 -2.53 -21.99 -2.73
C ASP B 70 -3.20 -20.67 -2.40
N PHE B 71 -2.66 -19.58 -2.92
CA PHE B 71 -3.15 -18.26 -2.53
C PHE B 71 -4.66 -18.19 -2.65
N ASP B 72 -5.20 -18.72 -3.75
CA ASP B 72 -6.64 -18.65 -3.96
C ASP B 72 -7.37 -19.40 -2.87
N GLN B 73 -6.86 -20.57 -2.49
CA GLN B 73 -7.51 -21.34 -1.43
C GLN B 73 -7.37 -20.66 -0.09
N GLN B 74 -6.20 -20.08 0.19
CA GLN B 74 -6.00 -19.36 1.44
C GLN B 74 -6.96 -18.18 1.53
N VAL B 75 -7.17 -17.46 0.41
CA VAL B 75 -8.06 -16.30 0.45
C VAL B 75 -9.50 -16.73 0.70
N LYS B 76 -9.99 -17.69 -0.08
CA LYS B 76 -11.36 -18.18 0.10
C LYS B 76 -11.66 -18.58 1.53
N ALA B 77 -10.75 -19.33 2.15
CA ALA B 77 -11.01 -19.79 3.49
C ALA B 77 -10.91 -18.66 4.50
N LEU B 78 -10.13 -17.63 4.18
CA LEU B 78 -9.99 -16.53 5.10
C LEU B 78 -11.26 -15.68 5.14
N ILE B 79 -11.90 -15.50 3.98
CA ILE B 79 -13.08 -14.66 3.91
C ILE B 79 -14.26 -15.54 3.55
N GLY B 80 -14.21 -16.79 3.98
CA GLY B 80 -15.12 -17.80 3.45
C GLY B 80 -16.57 -17.44 3.68
N ASP B 81 -16.91 -17.00 4.89
CA ASP B 81 -18.28 -16.74 5.29
C ASP B 81 -19.14 -18.00 5.20
PA MGP C . -15.64 3.87 9.25
O1A MGP C . -14.59 4.64 10.17
O2A MGP C . -15.10 3.73 7.87
O3A MGP C . -17.01 4.71 9.34
O5' MGP C . -16.00 2.57 10.03
PB MGP C . -18.09 5.19 8.33
O1B MGP C . -17.61 6.41 7.57
O2B MGP C . -18.55 4.23 7.38
O3B MGP C . -19.15 5.82 9.31
PC MGP C . -19.94 5.39 10.63
O1C MGP C . -19.99 3.85 10.74
O2C MGP C . -21.28 5.89 10.38
O3C MGP C . -19.27 6.08 11.87
C5' MGP C . -17.13 1.80 9.64
C4' MGP C . -17.48 0.96 10.89
O4' MGP C . -16.46 -0.04 11.07
C3' MGP C . -17.54 1.78 12.20
O3' MGP C . -18.84 2.25 12.37
C2' MGP C . -17.23 0.67 13.24
O2' MGP C . -18.45 0.03 13.44
C1' MGP C . -16.21 -0.26 12.44
N9 MGP C . -14.71 0.05 12.65
C8 MGP C . -13.86 0.64 11.70
N7 MGP C . -12.58 0.75 12.20
CM7 MGP C . -11.41 1.30 11.48
C5 MGP C . -12.57 0.26 13.48
C6 MGP C . -11.45 0.20 14.43
O6 MGP C . -10.35 0.70 14.24
N1 MGP C . -11.75 -0.42 15.69
C2 MGP C . -13.10 -0.91 15.89
N2 MGP C . -13.40 -1.61 17.04
N3 MGP C . -14.20 -0.78 14.99
C4 MGP C . -13.90 -0.21 13.80
H5' MGP C . -17.95 2.46 9.38
H5'A MGP C . -16.91 1.21 8.76
H4' MGP C . -18.40 0.41 10.71
H3' MGP C . -16.78 2.55 12.23
HO3' MGP C . -18.83 3.23 12.18
H2' MGP C . -16.81 1.08 14.15
HO2' MGP C . -18.45 -0.33 14.37
H1' MGP C . -16.33 -1.33 12.66
H8 MGP C . -14.19 0.97 10.72
HM7 MGP C . -10.51 0.80 11.84
HM7A MGP C . -11.32 2.36 11.66
HM7B MGP C . -11.52 1.12 10.41
HN1 MGP C . -11.02 -0.51 16.39
HN2 MGP C . -12.72 -1.81 17.76
HN2A MGP C . -14.34 -1.95 17.19
H16 MGP C . -14.30 5.59 10.18
H17 MGP C . -17.46 7.33 7.93
H18 MGP C . -20.58 3.37 11.39
H19 MGP C . -19.52 5.74 12.77
#